data_9GWQ
#
_entry.id   9GWQ
#
_cell.length_a   94.159
_cell.length_b   62.024
_cell.length_c   119.597
_cell.angle_alpha   90.000
_cell.angle_beta   101.632
_cell.angle_gamma   90.000
#
_symmetry.space_group_name_H-M   'C 1 2 1'
#
loop_
_entity.id
_entity.type
_entity.pdbx_description
1 polymer 'Peroxisome proliferator-activated receptor gamma'
2 non-polymer '4-[1-[2-chloranyl-6-(trifluoromethyl)phenyl]carbonyl-5-cyano-indazol-3-yl]-3-phenylmethoxy-benzoic acid'
3 water water
#
_entity_poly.entity_id   1
_entity_poly.type   'polypeptide(L)'
_entity_poly.pdbx_seq_one_letter_code
;GSHMESADLRALAKHLYDSYIKSFPLTKAKARAILTGKTTDKSPFVIYDMNSLMMGEDKIKFKHITPLQEQSKEVAIRIF
QGCQFRSVEAVQEITEYAKSIPGFVNLDLNDQVTLLKYGVHEIIYTMLASLMNKDGVLISEGQGFMTREFLKSLRKPFGD
FMEPKFEFAVKFNALELDDSDLAIFIAVIILSGDRPGLLNVKPIEDIQDNLLQALELQLKLNHPESSQLFAKLLQKMTDL
RQIVTEHVQLLQVIKKTETDMSLHPLLQEIYKDLY
;
_entity_poly.pdbx_strand_id   B,A
#
loop_
_chem_comp.id
_chem_comp.type
_chem_comp.name
_chem_comp.formula
A1IQA non-polymer '4-[1-[2-chloranyl-6-(trifluoromethyl)phenyl]carbonyl-5-cyano-indazol-3-yl]-3-phenylmethoxy-benzoic acid' 'C30 H17 Cl F3 N3 O4'
#
# COMPACT_ATOMS: atom_id res chain seq x y z
N HIS A 3 -27.46 3.80 1.24
CA HIS A 3 -27.07 2.77 0.26
C HIS A 3 -27.37 1.37 0.79
N MET A 4 -26.80 1.05 1.95
CA MET A 4 -27.06 -0.19 2.65
C MET A 4 -27.55 0.12 4.07
N GLU A 5 -28.42 -0.73 4.59
CA GLU A 5 -28.97 -0.54 5.92
C GLU A 5 -28.08 -1.25 6.94
N SER A 6 -28.11 -0.76 8.19
CA SER A 6 -27.24 -1.32 9.22
C SER A 6 -27.52 -2.80 9.41
N ALA A 7 -28.80 -3.18 9.44
CA ALA A 7 -29.17 -4.59 9.54
C ALA A 7 -28.59 -5.43 8.41
N ASP A 8 -28.55 -4.90 7.19
CA ASP A 8 -27.91 -5.65 6.11
C ASP A 8 -26.42 -5.77 6.33
N LEU A 9 -25.78 -4.75 6.91
CA LEU A 9 -24.35 -4.83 7.16
C LEU A 9 -24.06 -5.83 8.28
N ARG A 10 -24.87 -5.83 9.34
CA ARG A 10 -24.67 -6.81 10.39
C ARG A 10 -24.94 -8.23 9.88
N ALA A 11 -25.98 -8.39 9.05
CA ALA A 11 -26.25 -9.71 8.46
C ALA A 11 -25.07 -10.17 7.61
N LEU A 12 -24.52 -9.28 6.79
CA LEU A 12 -23.36 -9.64 6.00
C LEU A 12 -22.19 -10.01 6.89
N ALA A 13 -21.95 -9.22 7.94
CA ALA A 13 -20.84 -9.51 8.83
C ALA A 13 -21.02 -10.87 9.53
N LYS A 14 -22.24 -11.16 9.98
CA LYS A 14 -22.48 -12.45 10.62
C LYS A 14 -22.33 -13.59 9.62
N HIS A 15 -22.90 -13.44 8.43
CA HIS A 15 -22.73 -14.44 7.39
C HIS A 15 -21.25 -14.78 7.20
N LEU A 16 -20.40 -13.75 7.09
CA LEU A 16 -18.99 -13.99 6.78
C LEU A 16 -18.27 -14.65 7.95
N TYR A 17 -18.55 -14.22 9.19
CA TYR A 17 -17.92 -14.85 10.35
C TYR A 17 -18.22 -16.33 10.40
N ASP A 18 -19.49 -16.70 10.18
CA ASP A 18 -19.90 -18.11 10.20
C ASP A 18 -19.14 -18.91 9.15
N SER A 19 -19.05 -18.38 7.94
CA SER A 19 -18.35 -19.13 6.90
C SER A 19 -16.86 -19.18 7.21
N TYR A 20 -16.31 -18.09 7.75
CA TYR A 20 -14.91 -18.07 8.13
C TYR A 20 -14.61 -19.14 9.18
N ILE A 21 -15.55 -19.32 10.13
CA ILE A 21 -15.38 -20.37 11.15
C ILE A 21 -15.34 -21.76 10.53
N LYS A 22 -16.18 -22.01 9.52
CA LYS A 22 -16.22 -23.33 8.89
C LYS A 22 -15.03 -23.59 7.96
N SER A 23 -14.41 -22.53 7.44
CA SER A 23 -13.44 -22.66 6.36
C SER A 23 -12.03 -22.87 6.85
N PHE A 24 -11.70 -22.36 8.01
CA PHE A 24 -10.33 -22.35 8.45
C PHE A 24 -10.17 -23.21 9.70
N PRO A 25 -9.15 -24.08 9.74
CA PRO A 25 -9.11 -25.07 10.82
C PRO A 25 -8.81 -24.47 12.19
N LEU A 26 -7.93 -23.47 12.26
CA LEU A 26 -7.54 -22.91 13.55
C LEU A 26 -7.84 -21.41 13.51
N THR A 27 -8.89 -20.99 14.22
CA THR A 27 -9.23 -19.58 14.29
C THR A 27 -8.23 -18.81 15.15
N LYS A 28 -8.25 -17.49 15.03
CA LYS A 28 -7.40 -16.67 15.88
C LYS A 28 -7.73 -16.83 17.35
N ALA A 29 -9.03 -16.92 17.69
CA ALA A 29 -9.41 -17.05 19.10
C ALA A 29 -8.78 -18.28 19.71
N LYS A 30 -8.80 -19.41 19.01
CA LYS A 30 -8.20 -20.61 19.61
C LYS A 30 -6.68 -20.52 19.60
N ALA A 31 -6.11 -19.96 18.52
CA ALA A 31 -4.66 -19.78 18.46
C ALA A 31 -4.13 -18.98 19.64
N ARG A 32 -4.83 -17.89 20.01
CA ARG A 32 -4.36 -17.03 21.08
C ARG A 32 -4.37 -17.77 22.41
N ALA A 33 -5.43 -18.54 22.65
CA ALA A 33 -5.47 -19.36 23.85
C ALA A 33 -4.25 -20.24 23.96
N ILE A 34 -3.80 -20.80 22.83
CA ILE A 34 -2.59 -21.62 22.86
C ILE A 34 -1.36 -20.76 23.13
N LEU A 35 -1.24 -19.65 22.42
CA LEU A 35 -0.01 -18.86 22.55
C LEU A 35 0.15 -18.29 23.94
N THR A 36 -0.96 -17.98 24.61
CA THR A 36 -0.92 -17.31 25.91
C THR A 36 -0.71 -18.31 27.05
N GLY A 37 -1.35 -19.48 26.97
CA GLY A 37 -1.19 -20.51 27.98
C GLY A 37 -2.47 -20.61 28.77
N LYS A 38 -3.59 -20.43 28.07
CA LYS A 38 -4.91 -20.26 28.69
C LYS A 38 -5.89 -21.32 28.19
N THR A 39 -5.49 -22.59 28.21
CA THR A 39 -6.41 -23.67 27.87
C THR A 39 -6.08 -24.97 28.62
N LYS A 42 -3.01 -29.23 27.51
CA LYS A 42 -2.01 -29.86 26.64
C LYS A 42 -1.12 -28.83 25.94
N SER A 43 0.10 -28.70 26.45
CA SER A 43 1.05 -27.77 25.85
C SER A 43 1.33 -28.21 24.41
N PRO A 44 1.53 -27.28 23.49
CA PRO A 44 1.95 -27.69 22.15
C PRO A 44 3.39 -28.20 22.24
N PHE A 45 3.76 -29.05 21.31
CA PHE A 45 5.14 -29.51 21.28
C PHE A 45 6.02 -28.41 20.70
N VAL A 46 7.08 -28.07 21.42
CA VAL A 46 7.85 -26.87 21.09
C VAL A 46 9.09 -27.29 20.31
N ILE A 47 9.29 -26.67 19.16
CA ILE A 47 10.46 -26.89 18.34
C ILE A 47 11.34 -25.66 18.51
N TYR A 48 12.49 -25.83 19.14
CA TYR A 48 13.41 -24.73 19.44
C TYR A 48 14.81 -24.97 18.91
N ASP A 49 15.12 -26.15 18.38
CA ASP A 49 16.45 -26.44 17.84
C ASP A 49 16.38 -27.72 17.00
N MET A 50 17.54 -28.14 16.51
CA MET A 50 17.59 -29.28 15.60
C MET A 50 17.09 -30.56 16.27
N ASN A 51 17.48 -30.80 17.53
CA ASN A 51 17.08 -32.03 18.21
C ASN A 51 15.59 -32.08 18.47
N SER A 52 14.99 -30.97 18.88
CA SER A 52 13.56 -30.99 19.17
C SER A 52 12.74 -31.04 17.87
N LEU A 53 13.31 -30.55 16.76
CA LEU A 53 12.66 -30.75 15.46
C LEU A 53 12.56 -32.24 15.14
N MET A 54 13.65 -32.98 15.38
CA MET A 54 13.69 -34.40 15.05
C MET A 54 12.72 -35.20 15.89
N MET A 55 12.59 -34.87 17.18
CA MET A 55 11.60 -35.56 18.00
C MET A 55 10.18 -35.19 17.61
N GLY A 56 9.96 -33.94 17.19
CA GLY A 56 8.62 -33.50 16.85
C GLY A 56 8.10 -34.15 15.57
N GLU A 57 8.95 -34.33 14.58
CA GLU A 57 8.55 -35.00 13.35
C GLU A 57 8.49 -36.52 13.53
N ASP A 58 9.07 -37.06 14.60
CA ASP A 58 8.92 -38.46 14.94
C ASP A 58 7.81 -38.71 15.95
N LYS A 59 7.29 -37.65 16.58
CA LYS A 59 6.18 -37.78 17.52
C LYS A 59 4.89 -37.32 16.86
N ILE A 60 4.80 -36.03 16.52
CA ILE A 60 3.61 -35.55 15.83
C ILE A 60 3.59 -36.04 14.40
N LYS A 61 4.75 -36.16 13.77
CA LYS A 61 4.90 -36.53 12.35
C LYS A 61 4.09 -35.57 11.46
N PHE A 62 4.62 -34.35 11.36
CA PHE A 62 4.03 -33.33 10.51
C PHE A 62 4.08 -33.76 9.04
N LYS A 63 2.94 -33.65 8.35
CA LYS A 63 2.87 -34.04 6.95
C LYS A 63 3.67 -33.10 6.05
N HIS A 64 3.93 -31.87 6.49
CA HIS A 64 4.76 -30.94 5.75
C HIS A 64 6.25 -31.13 6.03
N ILE A 65 6.63 -31.34 7.28
CA ILE A 65 8.04 -31.38 7.64
C ILE A 65 8.73 -32.62 7.10
N THR A 66 8.06 -33.78 7.16
CA THR A 66 8.74 -35.02 6.78
C THR A 66 8.87 -35.11 5.24
N LYS A 73 16.93 -32.97 2.09
CA LYS A 73 17.49 -33.67 3.25
C LYS A 73 17.93 -32.69 4.32
N GLU A 74 18.30 -31.48 3.92
CA GLU A 74 18.80 -30.48 4.85
C GLU A 74 17.65 -29.77 5.55
N VAL A 75 17.85 -29.46 6.83
CA VAL A 75 16.75 -29.03 7.70
C VAL A 75 16.15 -27.72 7.20
N ALA A 76 16.98 -26.73 6.86
CA ALA A 76 16.46 -25.43 6.46
C ALA A 76 15.61 -25.55 5.21
N ILE A 77 16.02 -26.43 4.29
CA ILE A 77 15.24 -26.66 3.09
C ILE A 77 13.91 -27.28 3.45
N ARG A 78 13.96 -28.27 4.34
CA ARG A 78 12.78 -29.05 4.71
C ARG A 78 11.71 -28.16 5.34
N ILE A 79 12.10 -27.29 6.27
CA ILE A 79 11.14 -26.37 6.87
C ILE A 79 10.57 -25.42 5.82
N PHE A 80 11.44 -24.86 4.98
CA PHE A 80 10.99 -23.93 3.95
C PHE A 80 9.90 -24.57 3.08
N GLN A 81 10.14 -25.80 2.64
CA GLN A 81 9.16 -26.49 1.82
C GLN A 81 7.91 -26.82 2.60
N GLY A 82 8.04 -27.10 3.90
CA GLY A 82 6.85 -27.26 4.74
C GLY A 82 5.97 -26.02 4.75
N CYS A 83 6.57 -24.83 4.70
CA CYS A 83 5.78 -23.61 4.59
C CYS A 83 5.00 -23.62 3.29
N GLN A 84 5.60 -24.14 2.22
CA GLN A 84 4.91 -24.22 0.94
C GLN A 84 3.75 -25.20 1.00
N PHE A 85 3.98 -26.39 1.56
CA PHE A 85 2.90 -27.37 1.69
C PHE A 85 1.70 -26.77 2.41
N ARG A 86 1.94 -26.02 3.48
CA ARG A 86 0.82 -25.44 4.22
C ARG A 86 0.16 -24.31 3.42
N SER A 87 0.94 -23.51 2.69
CA SER A 87 0.37 -22.45 1.87
C SER A 87 -0.59 -23.00 0.83
N VAL A 88 -0.21 -24.10 0.19
CA VAL A 88 -1.10 -24.76 -0.77
C VAL A 88 -2.41 -25.18 -0.10
N GLU A 89 -2.32 -25.71 1.11
CA GLU A 89 -3.54 -26.03 1.85
C GLU A 89 -4.36 -24.79 2.12
N ALA A 90 -3.70 -23.72 2.57
CA ALA A 90 -4.41 -22.48 2.84
C ALA A 90 -5.15 -21.99 1.60
N VAL A 91 -4.52 -22.08 0.42
CA VAL A 91 -5.17 -21.60 -0.81
C VAL A 91 -6.53 -22.26 -1.01
N GLN A 92 -6.62 -23.57 -0.82
CA GLN A 92 -7.91 -24.24 -0.95
C GLN A 92 -8.89 -23.77 0.12
N GLU A 93 -8.42 -23.55 1.34
CA GLU A 93 -9.31 -23.07 2.37
C GLU A 93 -9.83 -21.68 2.03
N ILE A 94 -8.95 -20.76 1.59
CA ILE A 94 -9.40 -19.43 1.19
C ILE A 94 -10.35 -19.53 -0.01
N THR A 95 -10.06 -20.42 -0.97
CA THR A 95 -10.91 -20.57 -2.14
C THR A 95 -12.33 -20.97 -1.75
N GLU A 96 -12.44 -21.95 -0.85
CA GLU A 96 -13.75 -22.32 -0.36
C GLU A 96 -14.41 -21.16 0.38
N TYR A 97 -13.65 -20.45 1.22
CA TYR A 97 -14.21 -19.27 1.89
C TYR A 97 -14.75 -18.25 0.89
N ALA A 98 -14.00 -17.97 -0.17
CA ALA A 98 -14.44 -16.98 -1.16
C ALA A 98 -15.84 -17.29 -1.71
N LYS A 99 -16.17 -18.56 -1.89
CA LYS A 99 -17.48 -18.90 -2.46
C LYS A 99 -18.63 -18.46 -1.56
N SER A 100 -18.38 -18.29 -0.26
CA SER A 100 -19.42 -17.82 0.63
C SER A 100 -19.60 -16.31 0.61
N ILE A 101 -18.71 -15.57 -0.03
CA ILE A 101 -18.87 -14.11 -0.03
C ILE A 101 -20.02 -13.77 -0.97
N PRO A 102 -21.03 -13.05 -0.51
CA PRO A 102 -22.22 -12.80 -1.35
C PRO A 102 -21.84 -12.09 -2.65
N GLY A 103 -22.29 -12.69 -3.75
CA GLY A 103 -22.04 -12.21 -5.09
C GLY A 103 -20.83 -12.81 -5.77
N PHE A 104 -19.90 -13.42 -5.01
CA PHE A 104 -18.65 -13.86 -5.60
C PHE A 104 -18.87 -14.95 -6.65
N VAL A 105 -19.70 -15.95 -6.34
CA VAL A 105 -19.85 -17.03 -7.30
C VAL A 105 -20.60 -16.57 -8.55
N ASN A 106 -21.23 -15.39 -8.53
CA ASN A 106 -21.93 -14.93 -9.73
C ASN A 106 -21.02 -14.14 -10.66
N LEU A 107 -19.82 -13.81 -10.21
CA LEU A 107 -18.85 -13.15 -11.07
C LEU A 107 -18.43 -14.09 -12.18
N ASP A 108 -18.02 -13.49 -13.29
CA ASP A 108 -17.36 -14.22 -14.36
C ASP A 108 -16.30 -15.18 -13.81
N LEU A 109 -16.28 -16.39 -14.39
CA LEU A 109 -15.43 -17.45 -13.84
C LEU A 109 -13.95 -17.08 -13.94
N ASN A 110 -13.53 -16.46 -15.04
CA ASN A 110 -12.13 -16.05 -15.14
C ASN A 110 -11.77 -15.02 -14.08
N ASP A 111 -12.69 -14.10 -13.78
CA ASP A 111 -12.40 -13.07 -12.78
C ASP A 111 -12.32 -13.67 -11.37
N GLN A 112 -13.18 -14.64 -11.05
CA GLN A 112 -13.05 -15.37 -9.79
C GLN A 112 -11.65 -15.95 -9.66
N VAL A 113 -11.16 -16.57 -10.74
CA VAL A 113 -9.84 -17.18 -10.71
C VAL A 113 -8.78 -16.11 -10.52
N THR A 114 -8.92 -15.01 -11.23
CA THR A 114 -7.93 -13.94 -11.13
C THR A 114 -7.90 -13.34 -9.73
N LEU A 115 -9.07 -13.05 -9.15
CA LEU A 115 -9.12 -12.50 -7.80
C LEU A 115 -8.46 -13.43 -6.81
N LEU A 116 -8.72 -14.73 -6.92
CA LEU A 116 -8.09 -15.68 -6.02
C LEU A 116 -6.58 -15.73 -6.26
N LYS A 117 -6.19 -15.81 -7.54
CA LYS A 117 -4.78 -15.94 -7.88
C LYS A 117 -3.94 -14.83 -7.24
N TYR A 118 -4.39 -13.59 -7.34
CA TYR A 118 -3.61 -12.46 -6.85
C TYR A 118 -3.95 -12.09 -5.43
N GLY A 119 -4.92 -12.73 -4.81
CA GLY A 119 -5.31 -12.39 -3.45
C GLY A 119 -4.76 -13.31 -2.37
N VAL A 120 -4.50 -14.57 -2.73
CA VAL A 120 -4.18 -15.57 -1.71
C VAL A 120 -2.90 -15.19 -0.97
N HIS A 121 -1.89 -14.65 -1.65
CA HIS A 121 -0.65 -14.33 -0.93
C HIS A 121 -0.89 -13.34 0.19
N GLU A 122 -1.67 -12.29 -0.09
CA GLU A 122 -1.98 -11.28 0.91
C GLU A 122 -2.80 -11.88 2.05
N ILE A 123 -3.72 -12.77 1.71
CA ILE A 123 -4.54 -13.35 2.76
C ILE A 123 -3.73 -14.33 3.60
N ILE A 124 -2.80 -15.06 2.98
CA ILE A 124 -2.02 -16.02 3.76
C ILE A 124 -1.13 -15.30 4.75
N TYR A 125 -0.53 -14.17 4.34
CA TYR A 125 0.24 -13.37 5.29
C TYR A 125 -0.64 -12.89 6.42
N THR A 126 -1.81 -12.36 6.08
CA THR A 126 -2.72 -11.84 7.08
C THR A 126 -3.07 -12.90 8.10
N MET A 127 -3.49 -14.08 7.63
CA MET A 127 -3.93 -15.12 8.55
C MET A 127 -2.78 -15.83 9.23
N LEU A 128 -1.57 -15.78 8.65
CA LEU A 128 -0.41 -16.28 9.37
C LEU A 128 -0.19 -15.53 10.68
N ALA A 129 -0.43 -14.21 10.66
CA ALA A 129 -0.24 -13.39 11.85
C ALA A 129 -1.08 -13.90 13.02
N SER A 130 -2.27 -14.42 12.74
CA SER A 130 -3.14 -14.98 13.76
C SER A 130 -2.45 -16.11 14.51
N LEU A 131 -1.49 -16.76 13.87
CA LEU A 131 -0.84 -17.93 14.46
C LEU A 131 0.48 -17.59 15.11
N MET A 132 0.86 -16.31 15.12
CA MET A 132 2.20 -15.89 15.46
C MET A 132 2.16 -14.98 16.67
N ASN A 133 3.18 -15.07 17.52
CA ASN A 133 3.46 -13.96 18.41
C ASN A 133 4.92 -13.59 18.23
N LYS A 134 5.44 -12.71 19.08
CA LYS A 134 6.83 -12.28 18.92
C LYS A 134 7.82 -13.42 19.15
N ASP A 135 7.38 -14.52 19.74
CA ASP A 135 8.27 -15.62 20.10
C ASP A 135 8.19 -16.84 19.18
N GLY A 136 7.16 -16.96 18.33
CA GLY A 136 7.10 -18.08 17.41
C GLY A 136 5.73 -18.25 16.76
N VAL A 137 5.53 -19.43 16.15
CA VAL A 137 4.39 -19.68 15.28
C VAL A 137 3.80 -21.07 15.53
N LEU A 138 2.47 -21.14 15.62
CA LEU A 138 1.78 -22.42 15.75
C LEU A 138 1.80 -23.17 14.43
N ILE A 139 1.94 -24.50 14.48
CA ILE A 139 1.90 -25.33 13.27
C ILE A 139 1.06 -26.57 13.56
N SER A 140 0.71 -27.30 12.49
CA SER A 140 -0.11 -28.52 12.59
C SER A 140 -1.34 -28.27 13.45
N GLU A 141 -2.07 -27.22 13.11
CA GLU A 141 -3.32 -26.90 13.76
C GLU A 141 -3.13 -26.66 15.25
N GLY A 142 -2.04 -25.97 15.60
CA GLY A 142 -1.78 -25.61 16.97
C GLY A 142 -1.15 -26.69 17.82
N GLN A 143 -0.88 -27.87 17.26
CA GLN A 143 -0.26 -28.91 18.05
C GLN A 143 1.22 -28.69 18.24
N GLY A 144 1.85 -27.82 17.44
CA GLY A 144 3.25 -27.53 17.61
C GLY A 144 3.46 -26.03 17.68
N PHE A 145 4.63 -25.66 18.20
CA PHE A 145 5.05 -24.27 18.28
C PHE A 145 6.53 -24.19 17.94
N MET A 146 6.86 -23.52 16.84
CA MET A 146 8.25 -23.38 16.42
C MET A 146 8.72 -21.98 16.75
N THR A 147 9.86 -21.88 17.43
CA THR A 147 10.30 -20.59 17.94
C THR A 147 10.84 -19.72 16.82
N ARG A 148 10.58 -18.41 16.96
CA ARG A 148 11.13 -17.40 16.07
C ARG A 148 12.64 -17.51 15.91
N GLU A 149 13.34 -17.65 17.04
CA GLU A 149 14.79 -17.78 17.08
C GLU A 149 15.29 -18.97 16.27
N PHE A 150 14.63 -20.13 16.39
CA PHE A 150 15.03 -21.27 15.59
C PHE A 150 14.83 -20.98 14.10
N LEU A 151 13.67 -20.43 13.75
CA LEU A 151 13.41 -20.10 12.34
C LEU A 151 14.39 -19.06 11.82
N LYS A 152 14.63 -17.98 12.58
CA LYS A 152 15.53 -16.92 12.12
C LYS A 152 16.97 -17.41 11.97
N SER A 153 17.35 -18.47 12.66
CA SER A 153 18.73 -18.94 12.65
C SER A 153 19.03 -19.93 11.54
N LEU A 154 18.05 -20.28 10.72
CA LEU A 154 18.33 -21.13 9.58
C LEU A 154 19.34 -20.48 8.65
N ARG A 155 20.17 -21.31 8.03
CA ARG A 155 21.27 -20.87 7.19
C ARG A 155 20.76 -20.22 5.90
N LYS A 156 21.71 -19.86 5.02
CA LYS A 156 21.44 -19.51 3.62
C LYS A 156 20.65 -18.21 3.60
N PRO A 157 19.68 -18.00 2.71
CA PRO A 157 18.70 -16.93 2.96
C PRO A 157 17.47 -17.39 3.72
N PHE A 158 17.42 -18.66 4.13
CA PHE A 158 16.17 -19.19 4.68
C PHE A 158 15.82 -18.51 5.99
N GLY A 159 16.82 -18.15 6.79
CA GLY A 159 16.54 -17.41 8.01
C GLY A 159 15.92 -16.05 7.73
N ASP A 160 16.52 -15.29 6.82
CA ASP A 160 15.98 -13.98 6.48
C ASP A 160 14.70 -14.09 5.65
N PHE A 161 14.38 -15.30 5.17
CA PHE A 161 13.07 -15.52 4.57
C PHE A 161 11.97 -15.62 5.63
N MET A 162 12.30 -16.16 6.81
CA MET A 162 11.29 -16.38 7.83
C MET A 162 10.98 -15.11 8.61
N GLU A 163 12.03 -14.37 9.00
CA GLU A 163 11.88 -13.23 9.91
C GLU A 163 10.93 -12.14 9.43
N PRO A 164 10.88 -11.74 8.15
CA PRO A 164 9.92 -10.70 7.77
C PRO A 164 8.48 -11.04 8.05
N LYS A 165 8.11 -12.33 8.04
CA LYS A 165 6.74 -12.72 8.41
C LYS A 165 6.45 -12.34 9.87
N PHE A 166 7.38 -12.65 10.77
CA PHE A 166 7.21 -12.29 12.18
C PHE A 166 7.12 -10.78 12.32
N GLU A 167 7.99 -10.07 11.61
CA GLU A 167 8.02 -8.62 11.71
C GLU A 167 6.69 -8.01 11.33
N PHE A 168 6.10 -8.47 10.21
CA PHE A 168 4.77 -8.03 9.85
C PHE A 168 3.74 -8.42 10.91
N ALA A 169 3.78 -9.68 11.35
CA ALA A 169 2.75 -10.18 12.26
C ALA A 169 2.67 -9.36 13.54
N VAL A 170 3.82 -9.01 14.12
CA VAL A 170 3.82 -8.27 15.38
C VAL A 170 3.13 -6.92 15.22
N LYS A 171 3.37 -6.23 14.11
CA LYS A 171 2.71 -4.95 13.88
C LYS A 171 1.23 -5.15 13.58
N PHE A 172 0.89 -6.13 12.73
CA PHE A 172 -0.53 -6.35 12.45
C PHE A 172 -1.28 -6.76 13.71
N ASN A 173 -0.67 -7.62 14.52
CA ASN A 173 -1.32 -8.08 15.75
C ASN A 173 -1.53 -6.96 16.75
N ALA A 174 -0.77 -5.86 16.69
CA ALA A 174 -1.04 -4.73 17.57
C ALA A 174 -2.41 -4.09 17.30
N LEU A 175 -3.01 -4.31 16.14
CA LEU A 175 -4.38 -3.88 15.91
C LEU A 175 -5.39 -4.67 16.75
N GLU A 176 -5.03 -5.87 17.21
CA GLU A 176 -5.90 -6.67 18.07
C GLU A 176 -7.26 -6.94 17.43
N LEU A 177 -7.24 -7.27 16.14
CA LEU A 177 -8.42 -7.71 15.44
C LEU A 177 -8.82 -9.10 15.92
N ASP A 178 -10.12 -9.37 15.96
CA ASP A 178 -10.60 -10.71 16.25
C ASP A 178 -11.17 -11.33 14.97
N ASP A 179 -11.66 -12.56 15.11
CA ASP A 179 -12.08 -13.34 13.95
C ASP A 179 -13.23 -12.67 13.21
N SER A 180 -14.18 -12.06 13.93
CA SER A 180 -15.26 -11.38 13.21
C SER A 180 -14.76 -10.18 12.41
N ASP A 181 -13.73 -9.48 12.92
CA ASP A 181 -13.10 -8.43 12.12
C ASP A 181 -12.40 -9.01 10.90
N LEU A 182 -11.62 -10.09 11.11
CA LEU A 182 -10.76 -10.63 10.07
C LEU A 182 -11.58 -11.24 8.92
N ALA A 183 -12.74 -11.83 9.24
CA ALA A 183 -13.55 -12.44 8.20
C ALA A 183 -13.96 -11.42 7.15
N ILE A 184 -14.36 -10.21 7.56
CA ILE A 184 -14.71 -9.18 6.60
C ILE A 184 -13.47 -8.61 5.91
N PHE A 185 -12.40 -8.40 6.68
CA PHE A 185 -11.17 -7.86 6.11
C PHE A 185 -10.66 -8.73 4.97
N ILE A 186 -10.64 -10.04 5.19
CA ILE A 186 -10.19 -10.99 4.19
C ILE A 186 -11.07 -10.91 2.95
N ALA A 187 -12.39 -10.77 3.13
CA ALA A 187 -13.28 -10.63 1.98
C ALA A 187 -12.94 -9.40 1.17
N VAL A 188 -12.61 -8.30 1.85
CA VAL A 188 -12.26 -7.06 1.17
C VAL A 188 -11.04 -7.26 0.28
N ILE A 189 -10.00 -7.93 0.81
CA ILE A 189 -8.79 -8.22 0.03
C ILE A 189 -9.14 -8.98 -1.25
N ILE A 190 -9.99 -10.01 -1.12
CA ILE A 190 -10.33 -10.83 -2.27
C ILE A 190 -10.99 -9.99 -3.35
N LEU A 191 -11.96 -9.16 -2.96
CA LEU A 191 -12.73 -8.40 -3.93
C LEU A 191 -11.98 -7.12 -4.34
N SER A 192 -10.73 -7.27 -4.73
CA SER A 192 -9.95 -6.10 -5.15
C SER A 192 -10.12 -5.92 -6.65
N GLY A 193 -10.78 -4.86 -7.04
CA GLY A 193 -11.00 -4.57 -8.43
C GLY A 193 -9.78 -4.15 -9.22
N ASP A 194 -8.60 -4.05 -8.62
CA ASP A 194 -7.45 -3.64 -9.41
C ASP A 194 -6.52 -4.80 -9.74
N ARG A 195 -6.95 -6.04 -9.56
CA ARG A 195 -6.09 -7.15 -9.98
C ARG A 195 -5.90 -7.11 -11.50
N PRO A 196 -4.70 -7.43 -11.98
CA PRO A 196 -4.45 -7.41 -13.44
C PRO A 196 -5.27 -8.46 -14.17
N GLY A 197 -5.79 -8.07 -15.30
CA GLY A 197 -6.47 -8.96 -16.22
C GLY A 197 -7.93 -9.19 -15.93
N LEU A 198 -8.51 -8.49 -14.93
CA LEU A 198 -9.94 -8.61 -14.68
C LEU A 198 -10.72 -8.16 -15.90
N LEU A 199 -11.80 -8.87 -16.19
CA LEU A 199 -12.66 -8.55 -17.33
C LEU A 199 -13.77 -7.59 -16.95
N ASN A 200 -14.35 -7.74 -15.76
CA ASN A 200 -15.53 -6.95 -15.40
C ASN A 200 -15.36 -6.41 -13.99
N VAL A 201 -14.69 -5.25 -13.90
CA VAL A 201 -14.32 -4.66 -12.62
C VAL A 201 -15.54 -4.19 -11.85
N LYS A 202 -16.59 -3.74 -12.54
CA LYS A 202 -17.65 -3.03 -11.84
C LYS A 202 -18.35 -3.85 -10.77
N PRO A 203 -18.77 -5.10 -11.00
CA PRO A 203 -19.40 -5.87 -9.91
C PRO A 203 -18.45 -6.22 -8.78
N ILE A 204 -17.16 -6.31 -9.05
CA ILE A 204 -16.19 -6.58 -8.01
C ILE A 204 -16.11 -5.40 -7.04
N GLU A 205 -16.00 -4.19 -7.58
CA GLU A 205 -15.96 -3.00 -6.75
C GLU A 205 -17.29 -2.80 -6.03
N ASP A 206 -18.39 -3.17 -6.66
CA ASP A 206 -19.70 -3.07 -6.01
C ASP A 206 -19.77 -3.96 -4.78
N ILE A 207 -19.28 -5.19 -4.90
CA ILE A 207 -19.24 -6.07 -3.74
C ILE A 207 -18.24 -5.54 -2.69
N GLN A 208 -17.07 -5.11 -3.13
CA GLN A 208 -16.10 -4.61 -2.17
C GLN A 208 -16.66 -3.41 -1.41
N ASP A 209 -17.37 -2.52 -2.11
CA ASP A 209 -17.99 -1.38 -1.44
C ASP A 209 -18.92 -1.83 -0.31
N ASN A 210 -19.73 -2.87 -0.55
CA ASN A 210 -20.60 -3.35 0.52
C ASN A 210 -19.79 -3.97 1.65
N LEU A 211 -18.72 -4.68 1.32
CA LEU A 211 -17.87 -5.27 2.36
C LEU A 211 -17.17 -4.19 3.18
N LEU A 212 -16.69 -3.13 2.54
CA LEU A 212 -16.07 -2.01 3.25
C LEU A 212 -17.06 -1.34 4.20
N GLN A 213 -18.29 -1.08 3.73
CA GLN A 213 -19.31 -0.54 4.65
C GLN A 213 -19.50 -1.47 5.83
N ALA A 214 -19.52 -2.78 5.56
CA ALA A 214 -19.69 -3.75 6.63
C ALA A 214 -18.51 -3.75 7.59
N LEU A 215 -17.29 -3.69 7.04
CA LEU A 215 -16.11 -3.67 7.89
C LEU A 215 -16.10 -2.42 8.76
N GLU A 216 -16.39 -1.28 8.13
CA GLU A 216 -16.42 0.00 8.85
C GLU A 216 -17.35 -0.06 10.05
N LEU A 217 -18.59 -0.51 9.83
CA LEU A 217 -19.55 -0.63 10.92
C LEU A 217 -19.10 -1.67 11.94
N GLN A 218 -18.54 -2.79 11.47
CA GLN A 218 -18.10 -3.83 12.39
C GLN A 218 -17.03 -3.32 13.34
N LEU A 219 -16.06 -2.54 12.84
CA LEU A 219 -14.98 -2.06 13.67
C LEU A 219 -15.45 -0.98 14.66
N LYS A 220 -16.42 -0.16 14.26
CA LYS A 220 -16.95 0.84 15.19
C LYS A 220 -17.73 0.19 16.31
N LEU A 221 -18.44 -0.89 16.02
CA LEU A 221 -19.20 -1.58 17.06
C LEU A 221 -18.31 -2.46 17.93
N ASN A 222 -17.31 -3.09 17.33
CA ASN A 222 -16.49 -4.06 18.07
C ASN A 222 -15.29 -3.41 18.74
N HIS A 223 -14.83 -2.26 18.24
CA HIS A 223 -13.71 -1.53 18.82
C HIS A 223 -14.09 -0.05 18.93
N PRO A 224 -15.12 0.27 19.74
CA PRO A 224 -15.62 1.65 19.75
C PRO A 224 -14.60 2.65 20.27
N GLU A 225 -13.60 2.18 21.01
CA GLU A 225 -12.56 3.04 21.57
C GLU A 225 -11.31 3.14 20.69
N SER A 226 -11.26 2.39 19.59
CA SER A 226 -10.05 2.33 18.77
C SER A 226 -10.13 3.36 17.66
N SER A 227 -9.46 4.50 17.89
CA SER A 227 -9.55 5.63 16.97
C SER A 227 -9.07 5.26 15.58
N GLN A 228 -9.92 5.51 14.58
CA GLN A 228 -9.56 5.34 13.16
C GLN A 228 -9.00 3.95 12.87
N LEU A 229 -9.46 2.92 13.60
CA LEU A 229 -8.99 1.57 13.29
C LEU A 229 -9.28 1.21 11.82
N PHE A 230 -10.43 1.66 11.30
CA PHE A 230 -10.78 1.38 9.91
C PHE A 230 -9.67 1.85 8.96
N ALA A 231 -9.31 3.13 9.07
CA ALA A 231 -8.22 3.69 8.27
C ALA A 231 -6.91 2.95 8.50
N LYS A 232 -6.59 2.62 9.76
CA LYS A 232 -5.34 1.90 10.02
C LYS A 232 -5.35 0.52 9.36
N LEU A 233 -6.50 -0.15 9.31
CA LEU A 233 -6.52 -1.47 8.69
C LEU A 233 -6.35 -1.37 7.18
N LEU A 234 -6.98 -0.39 6.53
CA LEU A 234 -6.74 -0.21 5.10
C LEU A 234 -5.30 0.15 4.83
N GLN A 235 -4.67 0.92 5.73
CA GLN A 235 -3.25 1.19 5.59
C GLN A 235 -2.43 -0.10 5.64
N LYS A 236 -2.86 -1.10 6.43
CA LYS A 236 -2.16 -2.39 6.41
C LYS A 236 -2.36 -3.09 5.07
N MET A 237 -3.55 -2.96 4.48
CA MET A 237 -3.74 -3.49 3.13
C MET A 237 -2.82 -2.83 2.13
N THR A 238 -2.28 -1.66 2.47
CA THR A 238 -1.25 -1.04 1.65
C THR A 238 -0.02 -1.92 1.74
N ASP A 239 0.58 -1.96 2.94
CA ASP A 239 1.78 -2.75 3.17
C ASP A 239 1.72 -4.11 2.49
N LEU A 240 0.70 -4.92 2.84
CA LEU A 240 0.55 -6.29 2.34
C LEU A 240 0.97 -6.40 0.88
N ARG A 241 0.57 -5.42 0.07
CA ARG A 241 1.03 -5.38 -1.32
C ARG A 241 2.55 -5.37 -1.39
N GLN A 242 3.19 -4.53 -0.58
CA GLN A 242 4.65 -4.44 -0.61
C GLN A 242 5.28 -5.75 -0.16
N ILE A 243 4.89 -6.22 1.03
CA ILE A 243 5.44 -7.46 1.60
C ILE A 243 5.34 -8.60 0.59
N VAL A 244 4.19 -8.74 -0.05
CA VAL A 244 4.03 -9.81 -1.03
C VAL A 244 5.04 -9.67 -2.17
N THR A 245 5.26 -8.44 -2.65
CA THR A 245 6.25 -8.24 -3.71
C THR A 245 7.66 -8.57 -3.22
N GLU A 246 8.00 -8.11 -2.01
CA GLU A 246 9.26 -8.53 -1.40
C GLU A 246 9.37 -10.04 -1.35
N HIS A 247 8.26 -10.70 -1.02
CA HIS A 247 8.26 -12.15 -0.83
C HIS A 247 8.63 -12.87 -2.12
N VAL A 248 7.98 -12.52 -3.23
CA VAL A 248 8.22 -13.25 -4.47
C VAL A 248 9.65 -13.00 -4.97
N GLN A 249 10.20 -11.81 -4.75
CA GLN A 249 11.59 -11.56 -5.11
C GLN A 249 12.54 -12.37 -4.23
N LEU A 250 12.12 -12.74 -3.01
CA LEU A 250 12.94 -13.62 -2.20
C LEU A 250 12.91 -15.04 -2.74
N LEU A 251 11.72 -15.55 -3.11
CA LEU A 251 11.63 -16.90 -3.64
C LEU A 251 12.45 -17.07 -4.91
N GLN A 252 12.39 -16.10 -5.81
CA GLN A 252 13.07 -16.27 -7.09
C GLN A 252 14.58 -16.31 -6.89
N VAL A 253 15.09 -15.50 -5.96
CA VAL A 253 16.51 -15.52 -5.65
C VAL A 253 16.92 -16.89 -5.12
N ILE A 254 16.04 -17.53 -4.33
CA ILE A 254 16.33 -18.85 -3.79
C ILE A 254 16.44 -19.87 -4.93
N LYS A 255 15.52 -19.83 -5.88
CA LYS A 255 15.50 -20.78 -7.00
C LYS A 255 16.80 -20.74 -7.80
N LYS A 256 17.29 -19.54 -8.13
CA LYS A 256 18.50 -19.41 -8.94
C LYS A 256 19.79 -19.71 -8.18
N THR A 257 19.76 -19.62 -6.85
CA THR A 257 20.96 -19.86 -6.04
C THR A 257 21.07 -21.31 -5.58
N GLU A 258 19.98 -21.86 -5.08
CA GLU A 258 19.98 -23.18 -4.47
C GLU A 258 19.64 -24.24 -5.49
N THR A 259 20.40 -25.34 -5.46
CA THR A 259 20.13 -26.50 -6.31
C THR A 259 19.79 -27.77 -5.53
N ASP A 260 20.07 -27.81 -4.22
CA ASP A 260 19.61 -28.85 -3.32
C ASP A 260 18.08 -28.88 -3.16
N MET A 261 17.37 -28.02 -3.88
CA MET A 261 15.94 -27.84 -3.69
C MET A 261 15.08 -28.45 -4.78
N SER A 262 15.56 -29.47 -5.47
CA SER A 262 14.72 -30.11 -6.49
C SER A 262 13.77 -31.11 -5.86
N LEU A 263 12.52 -31.06 -6.31
CA LEU A 263 11.43 -31.96 -5.96
C LEU A 263 11.09 -32.86 -7.15
N HIS A 264 10.31 -33.89 -6.88
CA HIS A 264 9.73 -34.68 -7.95
C HIS A 264 8.97 -33.72 -8.88
N PRO A 265 9.15 -33.80 -10.20
CA PRO A 265 8.46 -32.83 -11.08
C PRO A 265 6.97 -32.68 -10.82
N LEU A 266 6.29 -33.76 -10.41
CA LEU A 266 4.89 -33.64 -10.01
C LEU A 266 4.74 -32.75 -8.79
N LEU A 267 5.63 -32.90 -7.79
CA LEU A 267 5.61 -32.02 -6.63
C LEU A 267 5.82 -30.57 -7.02
N GLN A 268 6.78 -30.33 -7.89
CA GLN A 268 6.98 -29.01 -8.44
C GLN A 268 5.71 -28.45 -9.07
N GLU A 269 4.98 -29.28 -9.82
CA GLU A 269 3.72 -28.82 -10.42
C GLU A 269 2.70 -28.41 -9.35
N ILE A 270 2.57 -29.20 -8.29
CA ILE A 270 1.58 -28.87 -7.26
C ILE A 270 1.89 -27.50 -6.67
N TYR A 271 3.16 -27.20 -6.46
CA TYR A 271 3.65 -25.97 -5.87
C TYR A 271 3.94 -24.88 -6.90
N LYS A 272 3.69 -25.14 -8.18
CA LYS A 272 3.97 -24.17 -9.24
C LYS A 272 3.46 -22.77 -8.93
N HIS B 3 -12.95 11.63 19.22
CA HIS B 3 -11.70 12.30 19.55
C HIS B 3 -11.83 13.81 19.31
N MET B 4 -12.23 14.18 18.10
CA MET B 4 -12.55 15.56 17.74
C MET B 4 -14.00 15.65 17.30
N GLU B 5 -14.60 16.81 17.51
CA GLU B 5 -15.97 17.09 17.14
C GLU B 5 -16.02 17.68 15.72
N SER B 6 -17.17 17.55 15.07
CA SER B 6 -17.28 17.93 13.67
C SER B 6 -16.92 19.38 13.43
N ALA B 7 -17.43 20.30 14.26
CA ALA B 7 -17.06 21.70 14.10
C ALA B 7 -15.55 21.90 14.17
N ASP B 8 -14.88 21.11 15.02
CA ASP B 8 -13.43 21.14 15.09
C ASP B 8 -12.81 20.51 13.85
N LEU B 9 -13.44 19.47 13.31
CA LEU B 9 -12.92 18.82 12.11
C LEU B 9 -13.09 19.71 10.89
N ARG B 10 -14.24 20.40 10.78
CA ARG B 10 -14.43 21.36 9.70
C ARG B 10 -13.46 22.53 9.81
N ALA B 11 -13.20 22.99 11.04
CA ALA B 11 -12.23 24.08 11.23
C ALA B 11 -10.85 23.65 10.76
N LEU B 12 -10.45 22.41 11.08
CA LEU B 12 -9.14 21.93 10.64
C LEU B 12 -9.07 21.85 9.12
N ALA B 13 -10.15 21.41 8.47
CA ALA B 13 -10.18 21.33 7.02
C ALA B 13 -10.03 22.70 6.38
N LYS B 14 -10.72 23.71 6.93
CA LYS B 14 -10.61 25.06 6.37
C LYS B 14 -9.20 25.60 6.55
N HIS B 15 -8.63 25.46 7.77
CA HIS B 15 -7.26 25.87 8.02
C HIS B 15 -6.31 25.28 6.99
N LEU B 16 -6.43 23.97 6.76
CA LEU B 16 -5.48 23.30 5.88
C LEU B 16 -5.65 23.77 4.45
N TYR B 17 -6.90 23.94 4.00
CA TYR B 17 -7.15 24.42 2.64
C TYR B 17 -6.59 25.82 2.44
N ASP B 18 -6.79 26.71 3.43
CA ASP B 18 -6.20 28.04 3.41
C ASP B 18 -4.68 27.98 3.29
N SER B 19 -4.03 27.13 4.10
CA SER B 19 -2.56 27.05 4.05
C SER B 19 -2.11 26.48 2.72
N TYR B 20 -2.85 25.51 2.20
CA TYR B 20 -2.52 24.92 0.91
C TYR B 20 -2.56 25.96 -0.20
N ILE B 21 -3.58 26.82 -0.22
CA ILE B 21 -3.66 27.88 -1.23
C ILE B 21 -2.48 28.80 -1.08
N LYS B 22 -2.09 29.09 0.17
CA LYS B 22 -0.98 30.01 0.38
C LYS B 22 0.35 29.38 -0.05
N SER B 23 0.46 28.05 0.03
CA SER B 23 1.76 27.37 -0.17
C SER B 23 2.03 26.93 -1.60
N PHE B 24 1.00 26.60 -2.37
CA PHE B 24 1.21 25.99 -3.67
C PHE B 24 0.68 26.97 -4.71
N PRO B 25 1.52 27.47 -5.61
CA PRO B 25 1.07 28.55 -6.51
C PRO B 25 0.07 28.08 -7.55
N LEU B 26 0.15 26.82 -8.00
CA LEU B 26 -0.72 26.31 -9.05
C LEU B 26 -1.62 25.25 -8.45
N THR B 27 -2.85 25.63 -8.14
CA THR B 27 -3.84 24.70 -7.62
C THR B 27 -4.39 23.81 -8.74
N LYS B 28 -5.03 22.72 -8.31
CA LYS B 28 -5.74 21.88 -9.27
C LYS B 28 -6.85 22.66 -9.95
N ALA B 29 -7.55 23.55 -9.22
CA ALA B 29 -8.61 24.33 -9.84
C ALA B 29 -8.09 25.16 -11.00
N LYS B 30 -6.91 25.77 -10.83
CA LYS B 30 -6.39 26.56 -11.93
C LYS B 30 -5.86 25.67 -13.05
N ALA B 31 -5.20 24.56 -12.69
CA ALA B 31 -4.73 23.63 -13.71
C ALA B 31 -5.88 23.13 -14.57
N ARG B 32 -7.02 22.79 -13.96
CA ARG B 32 -8.15 22.28 -14.71
C ARG B 32 -8.74 23.36 -15.63
N ALA B 33 -8.82 24.61 -15.14
CA ALA B 33 -9.27 25.69 -16.02
C ALA B 33 -8.36 25.81 -17.25
N ILE B 34 -7.05 25.64 -17.05
CA ILE B 34 -6.12 25.70 -18.17
C ILE B 34 -6.30 24.50 -19.08
N LEU B 35 -6.36 23.30 -18.49
CA LEU B 35 -6.47 22.09 -19.30
C LEU B 35 -7.79 22.04 -20.07
N THR B 36 -8.87 22.58 -19.51
CA THR B 36 -10.18 22.45 -20.15
C THR B 36 -10.33 23.45 -21.28
N GLY B 37 -9.96 24.70 -21.04
CA GLY B 37 -9.95 25.65 -22.13
C GLY B 37 -11.14 26.59 -22.21
N LYS B 38 -11.58 26.81 -23.45
CA LYS B 38 -12.54 27.83 -23.82
C LYS B 38 -12.27 29.14 -23.09
N THR B 39 -11.01 29.53 -22.99
CA THR B 39 -10.61 30.81 -22.45
C THR B 39 -9.36 31.24 -23.20
N THR B 40 -9.44 32.38 -23.87
CA THR B 40 -8.32 32.85 -24.69
C THR B 40 -7.08 33.14 -23.84
N ASP B 41 -7.26 33.67 -22.62
CA ASP B 41 -6.12 34.21 -21.88
C ASP B 41 -5.25 33.14 -21.20
N LYS B 42 -5.80 31.96 -20.89
CA LYS B 42 -5.06 30.96 -20.15
C LYS B 42 -4.49 29.85 -21.02
N SER B 43 -4.66 29.91 -22.33
CA SER B 43 -4.24 28.80 -23.17
C SER B 43 -2.74 28.61 -23.19
N PRO B 44 -2.25 27.39 -22.93
CA PRO B 44 -0.82 27.11 -22.97
C PRO B 44 -0.27 26.86 -24.37
N PHE B 45 1.02 27.11 -24.52
CA PHE B 45 1.80 26.67 -25.67
C PHE B 45 2.15 25.20 -25.53
N VAL B 46 1.90 24.40 -26.57
CA VAL B 46 1.97 22.95 -26.49
C VAL B 46 3.27 22.46 -27.12
N ILE B 47 4.04 21.70 -26.35
CA ILE B 47 5.32 21.14 -26.76
C ILE B 47 5.08 19.66 -27.09
N TYR B 48 5.20 19.31 -28.36
CA TYR B 48 4.91 17.94 -28.80
C TYR B 48 6.03 17.28 -29.59
N ASP B 49 7.12 18.00 -29.91
CA ASP B 49 8.23 17.47 -30.68
C ASP B 49 9.43 18.38 -30.48
N MET B 50 10.53 18.05 -31.17
CA MET B 50 11.77 18.80 -30.97
C MET B 50 11.62 20.26 -31.36
N ASN B 51 10.96 20.54 -32.48
CA ASN B 51 10.89 21.90 -32.98
C ASN B 51 10.05 22.79 -32.06
N SER B 52 8.96 22.25 -31.50
CA SER B 52 8.12 23.09 -30.65
C SER B 52 8.74 23.31 -29.26
N LEU B 53 9.60 22.40 -28.81
CA LEU B 53 10.34 22.67 -27.59
C LEU B 53 11.20 23.93 -27.76
N MET B 54 11.87 24.05 -28.90
CA MET B 54 12.78 25.16 -29.14
C MET B 54 12.02 26.48 -29.28
N MET B 55 10.82 26.44 -29.89
CA MET B 55 9.99 27.64 -29.93
C MET B 55 9.47 27.99 -28.54
N GLY B 56 9.27 26.98 -27.69
CA GLY B 56 8.73 27.24 -26.36
C GLY B 56 9.67 28.04 -25.48
N GLU B 57 10.98 27.85 -25.64
CA GLU B 57 11.93 28.58 -24.82
C GLU B 57 12.07 30.04 -25.24
N ASP B 58 11.60 30.41 -26.44
CA ASP B 58 11.55 31.81 -26.85
C ASP B 58 10.20 32.45 -26.59
N LYS B 59 9.19 31.65 -26.25
CA LYS B 59 7.84 32.11 -25.93
C LYS B 59 7.56 32.07 -24.44
N ILE B 60 7.62 30.89 -23.81
CA ILE B 60 7.28 30.79 -22.40
C ILE B 60 8.36 31.40 -21.52
N LYS B 61 9.63 31.15 -21.84
CA LYS B 61 10.76 31.61 -21.04
C LYS B 61 10.62 31.23 -19.56
N SER B 72 23.22 23.80 -23.74
CA SER B 72 23.95 23.10 -24.79
C SER B 72 23.68 21.60 -24.72
N LYS B 73 22.68 21.22 -23.94
CA LYS B 73 22.51 19.84 -23.52
C LYS B 73 21.53 19.09 -24.43
N GLU B 74 21.76 17.78 -24.53
CA GLU B 74 20.83 16.86 -25.15
C GLU B 74 19.43 17.00 -24.58
N VAL B 75 18.42 16.83 -25.43
CA VAL B 75 17.05 17.21 -25.09
C VAL B 75 16.55 16.44 -23.87
N ALA B 76 16.78 15.13 -23.81
CA ALA B 76 16.25 14.35 -22.71
C ALA B 76 16.83 14.83 -21.38
N ILE B 77 18.12 15.20 -21.39
CA ILE B 77 18.75 15.76 -20.19
C ILE B 77 18.12 17.09 -19.82
N ARG B 78 17.90 17.96 -20.82
CA ARG B 78 17.35 19.28 -20.51
C ARG B 78 15.98 19.14 -19.86
N ILE B 79 15.13 18.27 -20.42
CA ILE B 79 13.82 18.02 -19.84
C ILE B 79 13.96 17.43 -18.45
N PHE B 80 14.86 16.47 -18.30
CA PHE B 80 15.06 15.85 -17.00
C PHE B 80 15.45 16.89 -15.95
N GLN B 81 16.38 17.79 -16.30
CA GLN B 81 16.78 18.83 -15.36
C GLN B 81 15.64 19.79 -15.06
N GLY B 82 14.77 20.06 -16.05
CA GLY B 82 13.58 20.83 -15.74
C GLY B 82 12.71 20.15 -14.70
N CYS B 83 12.59 18.83 -14.77
CA CYS B 83 11.80 18.10 -13.77
C CYS B 83 12.43 18.21 -12.39
N GLN B 84 13.76 18.11 -12.31
CA GLN B 84 14.43 18.20 -11.01
C GLN B 84 14.26 19.59 -10.44
N PHE B 85 14.49 20.62 -11.27
CA PHE B 85 14.34 21.99 -10.81
C PHE B 85 12.98 22.20 -10.18
N ARG B 86 11.94 21.69 -10.82
CA ARG B 86 10.60 21.87 -10.28
C ARG B 86 10.35 20.98 -9.07
N SER B 87 10.90 19.76 -9.06
CA SER B 87 10.79 18.91 -7.87
C SER B 87 11.39 19.59 -6.64
N VAL B 88 12.55 20.22 -6.81
CA VAL B 88 13.18 20.93 -5.69
C VAL B 88 12.27 22.06 -5.19
N GLU B 89 11.69 22.82 -6.12
CA GLU B 89 10.71 23.84 -5.72
C GLU B 89 9.52 23.21 -5.02
N ALA B 90 9.04 22.06 -5.52
CA ALA B 90 7.94 21.38 -4.85
C ALA B 90 8.30 21.03 -3.41
N VAL B 91 9.51 20.48 -3.21
CA VAL B 91 9.98 20.15 -1.86
C VAL B 91 9.90 21.37 -0.96
N GLN B 92 10.32 22.52 -1.49
CA GLN B 92 10.24 23.78 -0.77
C GLN B 92 8.80 24.15 -0.45
N GLU B 93 7.89 24.01 -1.42
CA GLU B 93 6.50 24.35 -1.16
C GLU B 93 5.87 23.41 -0.14
N ILE B 94 6.16 22.11 -0.25
CA ILE B 94 5.64 21.12 0.68
C ILE B 94 6.18 21.37 2.09
N THR B 95 7.47 21.71 2.21
CA THR B 95 8.03 22.00 3.52
C THR B 95 7.30 23.16 4.17
N GLU B 96 7.04 24.21 3.40
CA GLU B 96 6.30 25.34 3.93
C GLU B 96 4.90 24.93 4.36
N TYR B 97 4.20 24.14 3.53
CA TYR B 97 2.88 23.64 3.90
C TYR B 97 2.94 22.81 5.17
N ALA B 98 3.91 21.90 5.27
CA ALA B 98 4.00 21.01 6.41
C ALA B 98 4.06 21.77 7.72
N LYS B 99 4.80 22.88 7.75
CA LYS B 99 4.91 23.63 9.01
C LYS B 99 3.58 24.20 9.44
N SER B 100 2.62 24.39 8.51
CA SER B 100 1.31 24.88 8.89
C SER B 100 0.41 23.80 9.48
N ILE B 101 0.79 22.53 9.37
CA ILE B 101 -0.05 21.48 9.91
C ILE B 101 0.04 21.49 11.43
N PRO B 102 -1.09 21.64 12.14
CA PRO B 102 -1.03 21.79 13.59
C PRO B 102 -0.29 20.63 14.24
N GLY B 103 0.66 20.97 15.09
CA GLY B 103 1.43 19.97 15.77
C GLY B 103 2.71 19.57 15.06
N PHE B 104 2.83 19.84 13.75
CA PHE B 104 4.01 19.33 13.05
C PHE B 104 5.29 19.98 13.58
N VAL B 105 5.33 21.31 13.70
CA VAL B 105 6.58 21.93 14.13
C VAL B 105 6.86 21.72 15.60
N ASN B 106 5.91 21.15 16.36
CA ASN B 106 6.15 20.86 17.77
C ASN B 106 6.76 19.48 17.97
N LEU B 107 6.78 18.66 16.92
CA LEU B 107 7.39 17.34 16.99
C LEU B 107 8.90 17.44 17.20
N ASP B 108 9.47 16.34 17.68
CA ASP B 108 10.92 16.19 17.66
C ASP B 108 11.48 16.58 16.31
N LEU B 109 12.57 17.36 16.36
CA LEU B 109 13.10 17.95 15.14
C LEU B 109 13.57 16.87 14.16
N ASN B 110 14.18 15.80 14.69
CA ASN B 110 14.65 14.74 13.79
C ASN B 110 13.48 14.08 13.07
N ASP B 111 12.33 13.96 13.76
CA ASP B 111 11.17 13.37 13.14
C ASP B 111 10.58 14.27 12.05
N GLN B 112 10.61 15.59 12.24
CA GLN B 112 10.20 16.50 11.18
C GLN B 112 10.98 16.24 9.91
N VAL B 113 12.30 16.13 10.05
CA VAL B 113 13.17 15.86 8.91
C VAL B 113 12.78 14.54 8.27
N THR B 114 12.57 13.51 9.11
CA THR B 114 12.22 12.18 8.65
C THR B 114 10.88 12.16 7.95
N LEU B 115 9.87 12.85 8.50
CA LEU B 115 8.56 12.88 7.83
C LEU B 115 8.65 13.54 6.45
N LEU B 116 9.40 14.64 6.35
CA LEU B 116 9.55 15.29 5.05
C LEU B 116 10.32 14.41 4.07
N LYS B 117 11.42 13.82 4.53
CA LYS B 117 12.29 13.00 3.69
C LYS B 117 11.52 11.89 2.97
N TYR B 118 10.64 11.19 3.67
CA TYR B 118 9.88 10.11 3.08
C TYR B 118 8.52 10.54 2.55
N GLY B 119 8.09 11.75 2.84
CA GLY B 119 6.78 12.18 2.40
C GLY B 119 6.76 13.01 1.13
N VAL B 120 7.85 13.75 0.84
CA VAL B 120 7.73 14.70 -0.28
C VAL B 120 7.50 13.98 -1.59
N HIS B 121 8.16 12.84 -1.82
CA HIS B 121 7.98 12.16 -3.10
C HIS B 121 6.54 11.72 -3.32
N GLU B 122 5.90 11.13 -2.30
CA GLU B 122 4.52 10.71 -2.42
C GLU B 122 3.63 11.90 -2.69
N ILE B 123 3.95 13.03 -2.07
CA ILE B 123 3.15 14.22 -2.28
C ILE B 123 3.39 14.78 -3.67
N ILE B 124 4.63 14.70 -4.17
CA ILE B 124 4.90 15.31 -5.48
C ILE B 124 4.12 14.57 -6.56
N TYR B 125 4.06 13.23 -6.45
CA TYR B 125 3.28 12.43 -7.38
C TYR B 125 1.81 12.79 -7.30
N THR B 126 1.29 12.91 -6.08
CA THR B 126 -0.10 13.28 -5.88
C THR B 126 -0.40 14.62 -6.55
N MET B 127 0.41 15.65 -6.27
CA MET B 127 0.12 16.95 -6.83
C MET B 127 0.54 17.07 -8.29
N LEU B 128 1.45 16.23 -8.79
CA LEU B 128 1.70 16.20 -10.22
C LEU B 128 0.45 15.80 -11.00
N ALA B 129 -0.34 14.89 -10.44
CA ALA B 129 -1.57 14.44 -11.11
C ALA B 129 -2.50 15.61 -11.44
N SER B 130 -2.54 16.59 -10.54
CA SER B 130 -3.38 17.77 -10.73
C SER B 130 -3.03 18.48 -12.02
N LEU B 131 -1.78 18.34 -12.46
CA LEU B 131 -1.30 19.06 -13.63
C LEU B 131 -1.43 18.20 -14.87
N MET B 132 -1.98 17.00 -14.75
CA MET B 132 -1.94 16.01 -15.81
C MET B 132 -3.34 15.68 -16.33
N ASN B 133 -3.42 15.40 -17.61
CA ASN B 133 -4.56 14.62 -18.11
C ASN B 133 -3.99 13.47 -18.93
N LYS B 134 -4.85 12.75 -19.64
CA LYS B 134 -4.36 11.59 -20.40
C LYS B 134 -3.41 11.99 -21.51
N ASP B 135 -3.36 13.27 -21.90
CA ASP B 135 -2.56 13.67 -23.05
C ASP B 135 -1.26 14.40 -22.73
N GLY B 136 -1.04 14.85 -21.49
CA GLY B 136 0.21 15.52 -21.15
C GLY B 136 0.11 16.26 -19.84
N VAL B 137 1.07 17.16 -19.59
CA VAL B 137 1.24 17.78 -18.28
C VAL B 137 1.56 19.27 -18.43
N LEU B 138 0.95 20.09 -17.57
CA LEU B 138 1.27 21.52 -17.51
C LEU B 138 2.67 21.75 -16.96
N ILE B 139 3.35 22.77 -17.49
CA ILE B 139 4.70 23.15 -17.06
C ILE B 139 4.75 24.68 -17.03
N SER B 140 5.86 25.20 -16.49
CA SER B 140 6.11 26.65 -16.42
C SER B 140 4.91 27.39 -15.83
N GLU B 141 4.45 26.93 -14.66
CA GLU B 141 3.32 27.56 -13.97
C GLU B 141 2.10 27.60 -14.90
N GLY B 142 1.88 26.55 -15.69
CA GLY B 142 0.72 26.49 -16.53
C GLY B 142 0.81 27.21 -17.85
N GLN B 143 1.95 27.86 -18.16
CA GLN B 143 2.12 28.55 -19.43
C GLN B 143 2.39 27.60 -20.57
N GLY B 144 2.81 26.38 -20.27
CA GLY B 144 3.13 25.40 -21.28
C GLY B 144 2.47 24.09 -20.96
N PHE B 145 2.39 23.24 -21.98
CA PHE B 145 1.83 21.90 -21.87
C PHE B 145 2.69 20.98 -22.74
N MET B 146 3.31 20.00 -22.10
CA MET B 146 4.15 19.05 -22.81
C MET B 146 3.38 17.74 -22.97
N THR B 147 3.32 17.22 -24.19
CA THR B 147 2.48 16.07 -24.43
C THR B 147 3.08 14.79 -23.86
N ARG B 148 2.20 13.91 -23.37
CA ARG B 148 2.58 12.58 -22.91
C ARG B 148 3.40 11.86 -23.95
N GLU B 149 2.92 11.89 -25.19
CA GLU B 149 3.59 11.22 -26.30
C GLU B 149 5.04 11.70 -26.45
N PHE B 150 5.27 13.01 -26.36
CA PHE B 150 6.63 13.51 -26.50
C PHE B 150 7.52 13.01 -25.38
N LEU B 151 7.00 13.03 -24.16
CA LEU B 151 7.78 12.57 -23.01
C LEU B 151 8.18 11.11 -23.15
N LYS B 152 7.23 10.26 -23.54
CA LYS B 152 7.49 8.83 -23.65
C LYS B 152 8.49 8.49 -24.74
N SER B 153 8.66 9.35 -25.74
CA SER B 153 9.55 9.04 -26.86
C SER B 153 10.98 9.49 -26.62
N LEU B 154 11.28 10.09 -25.47
CA LEU B 154 12.66 10.42 -25.12
C LEU B 154 13.50 9.14 -25.05
N ARG B 155 14.77 9.26 -25.44
CA ARG B 155 15.63 8.09 -25.59
C ARG B 155 15.99 7.46 -24.24
N LYS B 156 16.85 6.44 -24.31
CA LYS B 156 17.62 5.86 -23.22
C LYS B 156 16.73 5.25 -22.15
N PRO B 157 16.89 5.66 -20.89
CA PRO B 157 15.88 5.35 -19.87
C PRO B 157 14.89 6.47 -19.59
N PHE B 158 15.10 7.65 -20.20
CA PHE B 158 14.32 8.83 -19.81
C PHE B 158 12.86 8.74 -20.23
N GLY B 159 12.56 8.10 -21.37
CA GLY B 159 11.18 7.99 -21.79
C GLY B 159 10.32 7.22 -20.81
N ASP B 160 10.75 6.02 -20.44
CA ASP B 160 9.98 5.23 -19.49
C ASP B 160 10.12 5.74 -18.06
N PHE B 161 11.02 6.68 -17.83
CA PHE B 161 11.05 7.37 -16.54
C PHE B 161 9.83 8.29 -16.39
N MET B 162 9.34 8.86 -17.50
CA MET B 162 8.25 9.83 -17.48
C MET B 162 6.87 9.15 -17.38
N GLU B 163 6.66 8.07 -18.15
CA GLU B 163 5.34 7.49 -18.33
C GLU B 163 4.62 7.00 -17.05
N PRO B 164 5.27 6.34 -16.08
CA PRO B 164 4.52 5.88 -14.89
C PRO B 164 3.82 6.98 -14.10
N LYS B 165 4.36 8.20 -14.15
CA LYS B 165 3.67 9.33 -13.54
C LYS B 165 2.30 9.52 -14.16
N PHE B 166 2.21 9.41 -15.49
CA PHE B 166 0.92 9.53 -16.16
C PHE B 166 0.00 8.39 -15.78
N GLU B 167 0.52 7.16 -15.71
CA GLU B 167 -0.34 6.03 -15.42
C GLU B 167 -1.00 6.19 -14.05
N PHE B 168 -0.22 6.60 -13.06
CA PHE B 168 -0.82 6.91 -11.75
C PHE B 168 -1.83 8.05 -11.85
N ALA B 169 -1.47 9.13 -12.57
CA ALA B 169 -2.33 10.31 -12.58
C ALA B 169 -3.72 10.01 -13.13
N VAL B 170 -3.82 9.25 -14.23
CA VAL B 170 -5.14 9.00 -14.82
C VAL B 170 -6.02 8.24 -13.82
N LYS B 171 -5.43 7.33 -13.06
CA LYS B 171 -6.20 6.60 -12.05
C LYS B 171 -6.52 7.50 -10.87
N PHE B 172 -5.54 8.25 -10.37
CA PHE B 172 -5.84 9.12 -9.22
C PHE B 172 -6.91 10.14 -9.59
N ASN B 173 -6.79 10.74 -10.80
CA ASN B 173 -7.71 11.77 -11.26
C ASN B 173 -9.13 11.29 -11.44
N ALA B 174 -9.33 9.99 -11.60
CA ALA B 174 -10.69 9.48 -11.66
C ALA B 174 -11.44 9.68 -10.34
N LEU B 175 -10.74 9.87 -9.21
CA LEU B 175 -11.44 10.16 -7.96
C LEU B 175 -12.08 11.55 -7.93
N GLU B 176 -11.63 12.46 -8.79
CA GLU B 176 -12.21 13.80 -8.92
C GLU B 176 -12.14 14.58 -7.61
N LEU B 177 -11.00 14.48 -6.94
CA LEU B 177 -10.76 15.30 -5.75
C LEU B 177 -10.47 16.74 -6.14
N ASP B 178 -10.97 17.68 -5.34
CA ASP B 178 -10.61 19.07 -5.53
C ASP B 178 -9.58 19.47 -4.46
N ASP B 179 -9.14 20.73 -4.51
CA ASP B 179 -8.00 21.15 -3.70
C ASP B 179 -8.30 21.02 -2.21
N SER B 180 -9.53 21.30 -1.78
CA SER B 180 -9.85 21.19 -0.37
C SER B 180 -9.76 19.75 0.12
N ASP B 181 -10.07 18.78 -0.75
CA ASP B 181 -9.82 17.39 -0.40
C ASP B 181 -8.32 17.11 -0.33
N LEU B 182 -7.58 17.56 -1.35
CA LEU B 182 -6.17 17.23 -1.45
C LEU B 182 -5.36 17.83 -0.31
N ALA B 183 -5.75 19.01 0.18
CA ALA B 183 -5.00 19.64 1.27
C ALA B 183 -4.97 18.72 2.49
N ILE B 184 -6.11 18.11 2.83
CA ILE B 184 -6.14 17.19 3.96
C ILE B 184 -5.43 15.90 3.62
N PHE B 185 -5.61 15.39 2.39
CA PHE B 185 -4.97 14.14 1.99
C PHE B 185 -3.48 14.24 2.11
N ILE B 186 -2.91 15.35 1.61
CA ILE B 186 -1.47 15.54 1.67
C ILE B 186 -0.99 15.60 3.10
N ALA B 187 -1.76 16.26 3.99
CA ALA B 187 -1.36 16.32 5.40
C ALA B 187 -1.27 14.91 5.99
N VAL B 188 -2.21 14.03 5.61
CA VAL B 188 -2.22 12.65 6.13
C VAL B 188 -0.96 11.92 5.69
N ILE B 189 -0.58 12.06 4.43
CA ILE B 189 0.65 11.43 3.94
C ILE B 189 1.84 11.85 4.79
N ILE B 190 1.98 13.16 5.04
CA ILE B 190 3.13 13.68 5.78
C ILE B 190 3.19 13.07 7.19
N LEU B 191 2.05 13.07 7.89
CA LEU B 191 2.01 12.59 9.28
C LEU B 191 1.86 11.07 9.35
N SER B 192 2.76 10.38 8.67
CA SER B 192 2.76 8.92 8.63
C SER B 192 3.64 8.37 9.73
N GLY B 193 3.05 7.68 10.71
CA GLY B 193 3.83 7.12 11.78
C GLY B 193 4.71 5.95 11.41
N ASP B 194 4.68 5.46 10.17
CA ASP B 194 5.47 4.29 9.82
C ASP B 194 6.74 4.61 9.02
N ARG B 195 7.15 5.87 8.96
CA ARG B 195 8.40 6.18 8.27
C ARG B 195 9.57 5.60 9.06
N PRO B 196 10.57 5.02 8.38
CA PRO B 196 11.69 4.40 9.10
C PRO B 196 12.50 5.40 9.92
N GLY B 197 12.83 5.02 11.14
CA GLY B 197 13.70 5.78 12.01
C GLY B 197 13.03 6.84 12.84
N LEU B 198 11.70 6.94 12.82
CA LEU B 198 11.00 7.87 13.70
C LEU B 198 11.29 7.56 15.17
N LEU B 199 11.43 8.60 15.98
CA LEU B 199 11.75 8.44 17.40
C LEU B 199 10.50 8.35 18.27
N ASN B 200 9.45 9.13 17.97
CA ASN B 200 8.27 9.28 18.83
C ASN B 200 7.05 9.05 17.92
N VAL B 201 6.67 7.79 17.75
CA VAL B 201 5.64 7.47 16.77
C VAL B 201 4.30 8.02 17.21
N LYS B 202 4.05 7.99 18.52
CA LYS B 202 2.72 8.25 19.07
C LYS B 202 2.21 9.67 18.82
N PRO B 203 2.97 10.73 19.07
CA PRO B 203 2.44 12.06 18.76
C PRO B 203 2.19 12.27 17.28
N ILE B 204 2.93 11.58 16.40
CA ILE B 204 2.63 11.67 14.98
C ILE B 204 1.31 10.99 14.67
N GLU B 205 1.09 9.79 15.23
CA GLU B 205 -0.16 9.09 14.97
C GLU B 205 -1.35 9.86 15.53
N ASP B 206 -1.18 10.50 16.69
CA ASP B 206 -2.26 11.30 17.24
C ASP B 206 -2.64 12.43 16.29
N ILE B 207 -1.66 13.08 15.67
CA ILE B 207 -2.00 14.11 14.70
C ILE B 207 -2.68 13.50 13.47
N GLN B 208 -2.16 12.38 12.98
CA GLN B 208 -2.76 11.76 11.81
C GLN B 208 -4.19 11.33 12.08
N ASP B 209 -4.47 10.85 13.31
CA ASP B 209 -5.85 10.49 13.64
C ASP B 209 -6.80 11.65 13.43
N ASN B 210 -6.39 12.85 13.82
CA ASN B 210 -7.27 14.00 13.62
C ASN B 210 -7.40 14.37 12.16
N LEU B 211 -6.31 14.25 11.41
CA LEU B 211 -6.35 14.53 9.97
C LEU B 211 -7.19 13.49 9.22
N LEU B 212 -7.07 12.22 9.61
CA LEU B 212 -7.91 11.19 9.01
C LEU B 212 -9.38 11.45 9.31
N GLN B 213 -9.71 11.77 10.57
CA GLN B 213 -11.08 12.14 10.91
C GLN B 213 -11.54 13.30 10.06
N ALA B 214 -10.67 14.31 9.91
CA ALA B 214 -11.01 15.48 9.13
C ALA B 214 -11.20 15.11 7.67
N LEU B 215 -10.33 14.27 7.13
CA LEU B 215 -10.47 13.85 5.74
C LEU B 215 -11.77 13.09 5.54
N GLU B 216 -12.07 12.17 6.45
CA GLU B 216 -13.29 11.38 6.34
C GLU B 216 -14.53 12.27 6.26
N LEU B 217 -14.68 13.19 7.20
CA LEU B 217 -15.83 14.08 7.16
C LEU B 217 -15.80 14.94 5.89
N GLN B 218 -14.62 15.45 5.52
CA GLN B 218 -14.54 16.29 4.33
C GLN B 218 -15.01 15.55 3.07
N LEU B 219 -14.62 14.28 2.91
CA LEU B 219 -15.03 13.56 1.70
C LEU B 219 -16.51 13.20 1.75
N LYS B 220 -17.07 12.98 2.94
CA LYS B 220 -18.51 12.71 3.01
C LYS B 220 -19.32 13.96 2.68
N LEU B 221 -18.84 15.13 3.10
CA LEU B 221 -19.60 16.36 2.85
C LEU B 221 -19.43 16.84 1.41
N ASN B 222 -18.22 16.67 0.86
CA ASN B 222 -17.89 17.20 -0.45
C ASN B 222 -18.20 16.24 -1.58
N HIS B 223 -18.26 14.93 -1.32
CA HIS B 223 -18.60 13.92 -2.32
C HIS B 223 -19.64 12.95 -1.74
N PRO B 224 -20.83 13.44 -1.43
CA PRO B 224 -21.80 12.60 -0.69
C PRO B 224 -22.33 11.43 -1.48
N GLU B 225 -22.28 11.49 -2.82
CA GLU B 225 -22.70 10.39 -3.67
C GLU B 225 -21.53 9.51 -4.09
N SER B 226 -20.32 9.82 -3.63
CA SER B 226 -19.14 9.05 -3.98
C SER B 226 -18.96 8.01 -2.88
N SER B 227 -19.49 6.81 -3.13
CA SER B 227 -19.50 5.76 -2.12
C SER B 227 -18.09 5.32 -1.73
N GLN B 228 -17.81 5.31 -0.41
CA GLN B 228 -16.54 4.82 0.12
C GLN B 228 -15.33 5.53 -0.49
N LEU B 229 -15.48 6.80 -0.85
CA LEU B 229 -14.33 7.54 -1.37
C LEU B 229 -13.18 7.57 -0.37
N PHE B 230 -13.49 7.60 0.93
CA PHE B 230 -12.45 7.60 1.95
C PHE B 230 -11.55 6.38 1.80
N ALA B 231 -12.15 5.18 1.80
CA ALA B 231 -11.39 3.94 1.64
C ALA B 231 -10.65 3.88 0.31
N LYS B 232 -11.30 4.28 -0.79
CA LYS B 232 -10.63 4.26 -2.07
C LYS B 232 -9.43 5.20 -2.08
N LEU B 233 -9.55 6.35 -1.39
CA LEU B 233 -8.42 7.28 -1.36
C LEU B 233 -7.25 6.73 -0.54
N LEU B 234 -7.54 6.09 0.61
CA LEU B 234 -6.47 5.46 1.39
C LEU B 234 -5.82 4.32 0.62
N GLN B 235 -6.62 3.57 -0.16
CA GLN B 235 -6.05 2.56 -1.04
C GLN B 235 -5.13 3.19 -2.08
N LYS B 236 -5.37 4.45 -2.45
CA LYS B 236 -4.45 5.11 -3.37
C LYS B 236 -3.09 5.34 -2.73
N MET B 237 -3.07 5.63 -1.42
CA MET B 237 -1.83 5.72 -0.66
C MET B 237 -1.06 4.41 -0.70
N THR B 238 -1.68 3.32 -1.17
CA THR B 238 -0.99 2.07 -1.45
C THR B 238 -0.09 2.25 -2.66
N ASP B 239 -0.71 2.41 -3.84
CA ASP B 239 0.02 2.59 -5.08
C ASP B 239 1.21 3.54 -4.91
N LEU B 240 0.95 4.75 -4.44
CA LEU B 240 1.98 5.77 -4.24
C LEU B 240 3.26 5.18 -3.66
N ARG B 241 3.14 4.31 -2.66
CA ARG B 241 4.31 3.62 -2.12
C ARG B 241 5.04 2.83 -3.21
N GLN B 242 4.29 2.14 -4.07
CA GLN B 242 4.91 1.37 -5.14
C GLN B 242 5.59 2.27 -6.15
N ILE B 243 4.84 3.25 -6.68
CA ILE B 243 5.35 4.18 -7.67
C ILE B 243 6.65 4.82 -7.19
N VAL B 244 6.67 5.27 -5.93
CA VAL B 244 7.87 5.93 -5.42
C VAL B 244 9.05 4.98 -5.44
N THR B 245 8.83 3.72 -5.05
CA THR B 245 9.92 2.74 -5.07
C THR B 245 10.41 2.45 -6.48
N GLU B 246 9.51 2.26 -7.44
CA GLU B 246 9.95 2.18 -8.83
C GLU B 246 10.71 3.44 -9.25
N HIS B 247 10.29 4.61 -8.78
CA HIS B 247 10.94 5.84 -9.21
C HIS B 247 12.40 5.86 -8.81
N VAL B 248 12.70 5.59 -7.53
CA VAL B 248 14.08 5.67 -7.07
C VAL B 248 14.93 4.57 -7.70
N GLN B 249 14.35 3.40 -7.98
CA GLN B 249 15.11 2.35 -8.66
C GLN B 249 15.45 2.74 -10.10
N LEU B 250 14.60 3.56 -10.73
CA LEU B 250 14.97 4.14 -12.02
C LEU B 250 15.98 5.27 -11.85
N LEU B 251 15.74 6.16 -10.88
CA LEU B 251 16.61 7.31 -10.70
C LEU B 251 18.04 6.87 -10.39
N GLN B 252 18.22 5.83 -9.59
CA GLN B 252 19.57 5.40 -9.27
C GLN B 252 20.28 4.82 -10.49
N VAL B 253 19.56 4.01 -11.29
CA VAL B 253 20.15 3.45 -12.51
C VAL B 253 20.56 4.55 -13.48
N ILE B 254 19.71 5.57 -13.61
CA ILE B 254 20.05 6.71 -14.44
C ILE B 254 21.29 7.42 -13.91
N LYS B 255 21.37 7.57 -12.58
CA LYS B 255 22.55 8.18 -11.97
C LYS B 255 23.80 7.42 -12.36
N LYS B 256 23.74 6.08 -12.38
CA LYS B 256 24.91 5.28 -12.68
C LYS B 256 25.31 5.34 -14.15
N THR B 257 24.40 5.72 -15.05
CA THR B 257 24.74 5.82 -16.46
C THR B 257 25.15 7.23 -16.88
N GLU B 258 24.35 8.22 -16.48
CA GLU B 258 24.53 9.59 -16.94
C GLU B 258 25.34 10.40 -15.94
N THR B 259 26.29 11.18 -16.47
CA THR B 259 27.08 12.12 -15.71
C THR B 259 26.82 13.56 -16.12
N ASP B 260 26.22 13.78 -17.28
CA ASP B 260 25.74 15.10 -17.68
C ASP B 260 24.65 15.52 -16.70
N MET B 261 24.33 14.63 -15.76
CA MET B 261 23.36 14.89 -14.70
C MET B 261 24.06 15.01 -13.36
N SER B 262 23.71 16.05 -12.63
CA SER B 262 24.01 16.20 -11.21
C SER B 262 22.68 16.49 -10.55
N LEU B 263 22.46 15.96 -9.36
CA LEU B 263 21.21 16.23 -8.69
C LEU B 263 21.38 17.39 -7.72
N HIS B 264 20.30 18.12 -7.53
CA HIS B 264 20.28 19.21 -6.56
C HIS B 264 20.56 18.67 -5.16
N PRO B 265 21.43 19.35 -4.38
CA PRO B 265 21.81 18.83 -3.06
C PRO B 265 20.62 18.53 -2.15
N LEU B 266 19.55 19.32 -2.23
CA LEU B 266 18.34 19.01 -1.47
C LEU B 266 17.75 17.67 -1.87
N LEU B 267 17.68 17.41 -3.18
CA LEU B 267 17.21 16.10 -3.64
C LEU B 267 18.20 15.01 -3.28
N GLN B 268 19.50 15.28 -3.45
CA GLN B 268 20.53 14.33 -3.05
C GLN B 268 20.36 13.85 -1.61
N GLU B 269 20.12 14.77 -0.68
CA GLU B 269 19.94 14.38 0.71
C GLU B 269 18.71 13.48 0.86
N ILE B 270 17.63 13.80 0.15
CA ILE B 270 16.39 13.04 0.28
C ILE B 270 16.58 11.59 -0.15
N TYR B 271 17.36 11.34 -1.20
CA TYR B 271 17.48 9.97 -1.69
C TYR B 271 18.52 9.14 -0.98
N LYS B 272 19.38 9.75 -0.16
CA LYS B 272 20.34 8.96 0.61
C LYS B 272 19.60 7.96 1.49
N ASP B 273 19.69 6.67 1.16
CA ASP B 273 19.00 5.61 1.90
C ASP B 273 17.47 5.78 1.90
C2 A1IQA C . 6.53 -19.06 8.23
N3 A1IQA C . 4.89 -18.95 4.46
C4 A1IQA C . 6.92 -18.46 5.92
C5 A1IQA C . 5.63 -18.91 5.64
C6 A1IQA C . 4.80 -19.44 6.63
C7 A1IQA C . 5.26 -19.54 7.93
C8 A1IQA C . 3.57 -19.81 5.97
C9 A1IQA C . 2.31 -20.32 6.53
C10 A1IQA C . 1.11 -19.72 6.13
C11 A1IQA C . -0.10 -20.11 6.68
C12 A1IQA C . -0.13 -21.11 7.64
C13 A1IQA C . -1.44 -21.53 8.25
C14 A1IQA C . 1.05 -21.72 8.06
C15 A1IQA C . 2.26 -21.33 7.52
C16 A1IQA C . 3.45 -22.77 9.01
C18 A1IQA C . 5.74 -22.71 10.02
C20 A1IQA C . 7.43 -24.29 9.42
C21 A1IQA C . 6.56 -24.88 8.53
C22 A1IQA C . 5.28 -24.38 8.38
C23 A1IQA C . 5.26 -18.51 3.19
C25 A1IQA C . 3.32 -17.12 2.53
C26 A1IQA C . 2.32 -16.73 1.65
C1 A1IQA C . 7.03 -19.16 9.57
C17 A1IQA C . 4.85 -23.31 9.14
C19 A1IQA C . 7.03 -23.21 10.16
C24 A1IQA C . 4.18 -18.17 2.21
C27 A1IQA C . 2.19 -17.41 0.45
C28 A1IQA C . 3.04 -18.45 0.12
C29 A1IQA C . 4.07 -18.82 0.98
C3 A1IQA C . 7.35 -18.52 7.23
C30 A1IQA C . 4.97 -19.96 0.61
F1 A1IQA C . 4.41 -20.80 -0.25
F2 A1IQA C . 5.34 -20.70 1.65
F3 A1IQA C . 6.12 -19.56 0.08
N1 A1IQA C . 7.35 -19.09 10.67
N2 A1IQA C . 3.62 -19.46 4.70
O1 A1IQA C . -2.42 -20.79 8.04
O2 A1IQA C . -1.44 -22.52 8.99
O3 A1IQA C . 3.44 -21.89 7.88
O4 A1IQA C . 6.42 -18.36 2.91
CL1 A1IQA C . 3.47 -16.28 4.04
C2 A1IQA D . 7.25 14.47 -15.31
N3 A1IQA D . 9.62 14.37 -11.95
C4 A1IQA D . 9.00 13.24 -14.17
C5 A1IQA D . 8.93 14.20 -13.15
C6 A1IQA D . 8.04 15.28 -13.22
C7 A1IQA D . 7.20 15.42 -14.32
C8 A1IQA D . 8.24 16.07 -12.05
C9 A1IQA D . 7.52 17.26 -11.58
C10 A1IQA D . 7.06 17.29 -10.26
C11 A1IQA D . 6.32 18.36 -9.79
C12 A1IQA D . 6.00 19.40 -10.63
C13 A1IQA D . 5.21 20.57 -10.13
C14 A1IQA D . 6.42 19.38 -11.96
C15 A1IQA D . 7.15 18.31 -12.44
C16 A1IQA D . 7.11 19.29 -14.61
C18 A1IQA D . 8.93 20.07 -16.14
C20 A1IQA D . 9.32 19.03 -18.27
C21 A1IQA D . 8.28 18.16 -18.03
C22 A1IQA D . 7.56 18.24 -16.84
C23 A1IQA D . 10.60 13.54 -11.40
C25 A1IQA D . 9.86 13.50 -9.02
C26 A1IQA D . 10.07 13.61 -7.65
C1 A1IQA D . 6.36 14.59 -16.43
C17 A1IQA D . 7.87 19.20 -15.90
C19 A1IQA D . 9.66 19.97 -17.32
C24 A1IQA D . 10.89 13.67 -9.93
C27 A1IQA D . 11.35 13.88 -7.20
C28 A1IQA D . 12.39 14.06 -8.09
C29 A1IQA D . 12.18 13.97 -9.46
C3 A1IQA D . 8.13 13.37 -15.23
C30 A1IQA D . 13.36 14.13 -10.38
F1 A1IQA D . 14.36 14.82 -9.82
F2 A1IQA D . 13.07 14.81 -11.48
F3 A1IQA D . 13.91 12.98 -10.74
N1 A1IQA D . 5.56 14.62 -17.25
N2 A1IQA D . 9.15 15.51 -11.28
O1 A1IQA D . 5.06 21.54 -10.91
O2 A1IQA D . 4.74 20.51 -8.96
O3 A1IQA D . 7.59 18.28 -13.72
O4 A1IQA D . 11.17 12.73 -12.09
CL1 A1IQA D . 8.23 13.16 -9.52
#